data_3ACY
#
_entry.id   3ACY
#
_cell.length_a   80.494
_cell.length_b   80.494
_cell.length_c   90.788
_cell.angle_alpha   90.00
_cell.angle_beta   90.00
_cell.angle_gamma   120.00
#
_symmetry.space_group_name_H-M   'P 32 2 1'
#
loop_
_entity.id
_entity.type
_entity.pdbx_description
1 polymer 'Dehydrosqualene synthase'
2 non-polymer '(1R)-4-[3-(2-benzylphenoxy)phenyl]-1-phosphonobutane-1-sulfonic acid'
3 non-polymer 'MAGNESIUM ION'
4 water water
#
_entity_poly.entity_id   1
_entity_poly.type   'polypeptide(L)'
_entity_poly.pdbx_seq_one_letter_code
;AAAAAAMTMMDMNFKYCHKIMKKHSKSFSYAFDLLPEDQRKAVWAIYAVCRKIDDSIDVYGDIQFLNQIKEDIQSIEKYP
YEYHHFQSDRRIMMALQHVAQHKNIAFQSFYNLIDTVYKDQHFTMFETDAELFGYCYGVAGTVGEVLTPILSDHETHQTY
DVARRLGESLQLINILRDVGEDFENERIYFSKQRLKQYEVDIAEVYQNGVNNHYIDLWEYYAAIAEKDFRDVMDQIKVFS
IEAQPIIELAARIYIEILDEVRQANYTLHERVFVEKRKKAKLFHEINSKYHRI
;
_entity_poly.pdbx_strand_id   A
#
loop_
_chem_comp.id
_chem_comp.type
_chem_comp.name
_chem_comp.formula
702 non-polymer '(1R)-4-[3-(2-benzylphenoxy)phenyl]-1-phosphonobutane-1-sulfonic acid' 'C23 H25 O7 P S'
MG non-polymer 'MAGNESIUM ION' 'Mg 2'
#
# COMPACT_ATOMS: atom_id res chain seq x y z
N MET A 7 13.02 17.13 -22.01
CA MET A 7 12.86 16.61 -20.63
C MET A 7 13.79 17.39 -19.72
N THR A 8 13.25 17.92 -18.62
CA THR A 8 14.07 18.59 -17.63
C THR A 8 14.63 17.57 -16.63
N MET A 9 15.57 18.01 -15.80
CA MET A 9 16.03 17.20 -14.67
C MET A 9 14.91 16.72 -13.78
N MET A 10 14.02 17.66 -13.41
CA MET A 10 12.88 17.29 -12.58
C MET A 10 11.97 16.29 -13.32
N ASP A 11 11.86 16.39 -14.64
CA ASP A 11 11.09 15.40 -15.39
C ASP A 11 11.71 14.02 -15.23
N MET A 12 13.05 13.96 -15.31
CA MET A 12 13.84 12.74 -15.16
C MET A 12 13.61 12.09 -13.80
N ASN A 13 13.58 12.90 -12.74
CA ASN A 13 13.29 12.38 -11.41
C ASN A 13 11.91 11.73 -11.34
N PHE A 14 10.88 12.38 -11.89
CA PHE A 14 9.53 11.82 -11.83
C PHE A 14 9.43 10.59 -12.73
N LYS A 15 10.12 10.57 -13.88
CA LYS A 15 10.13 9.37 -14.74
C LYS A 15 10.71 8.14 -14.02
N TYR A 16 11.80 8.35 -13.28
CA TYR A 16 12.36 7.32 -12.41
C TYR A 16 11.38 6.84 -11.34
N CYS A 17 10.73 7.77 -10.64
CA CYS A 17 9.65 7.37 -9.73
C CYS A 17 8.55 6.55 -10.42
N HIS A 18 8.18 6.93 -11.64
CA HIS A 18 7.19 6.22 -12.42
C HIS A 18 7.66 4.79 -12.72
N LYS A 19 8.93 4.64 -13.13
CA LYS A 19 9.55 3.33 -13.39
C LYS A 19 9.42 2.40 -12.20
N ILE A 20 9.72 2.93 -11.02
CA ILE A 20 9.67 2.16 -9.79
C ILE A 20 8.25 1.68 -9.55
N MET A 21 7.28 2.58 -9.69
CA MET A 21 5.88 2.23 -9.44
C MET A 21 5.37 1.18 -10.44
N LYS A 22 5.65 1.38 -11.72
CA LYS A 22 5.21 0.44 -12.76
C LYS A 22 5.81 -0.95 -12.57
N LYS A 23 7.08 -0.97 -12.17
CA LYS A 23 7.79 -2.23 -11.93
C LYS A 23 7.17 -2.99 -10.77
N HIS A 24 6.89 -2.30 -9.67
CA HIS A 24 6.45 -2.98 -8.45
C HIS A 24 4.96 -3.23 -8.26
N SER A 25 4.13 -2.34 -8.77
CA SER A 25 2.68 -2.54 -8.62
C SER A 25 2.01 -2.29 -9.96
N LYS A 26 1.75 -3.36 -10.70
CA LYS A 26 1.03 -3.25 -11.95
C LYS A 26 -0.40 -2.74 -11.73
N SER A 27 -1.00 -3.10 -10.60
CA SER A 27 -2.37 -2.65 -10.32
C SER A 27 -2.45 -1.15 -10.04
N PHE A 28 -1.60 -0.69 -9.12
CA PHE A 28 -1.70 0.73 -8.76
C PHE A 28 -1.21 1.63 -9.87
N SER A 29 -0.17 1.24 -10.60
CA SER A 29 0.28 2.01 -11.75
C SER A 29 -0.83 2.08 -12.81
N TYR A 30 -1.48 0.96 -13.09
CA TYR A 30 -2.53 0.93 -14.10
C TYR A 30 -3.61 1.98 -13.84
N ALA A 31 -4.11 2.02 -12.60
CA ALA A 31 -5.14 2.96 -12.18
C ALA A 31 -4.59 4.37 -11.99
N PHE A 32 -3.54 4.56 -11.19
CA PHE A 32 -3.14 5.92 -10.86
C PHE A 32 -2.52 6.70 -12.03
N ASP A 33 -2.01 5.99 -13.03
CA ASP A 33 -1.49 6.65 -14.21
C ASP A 33 -2.59 7.34 -15.02
N LEU A 34 -3.86 7.08 -14.69
CA LEU A 34 -4.98 7.78 -15.35
C LEU A 34 -5.34 9.15 -14.79
N LEU A 35 -4.72 9.51 -13.67
CA LEU A 35 -4.87 10.86 -13.11
C LEU A 35 -4.30 11.94 -14.04
N PRO A 36 -4.78 13.19 -13.92
CA PRO A 36 -4.17 14.36 -14.54
C PRO A 36 -2.67 14.37 -14.27
N GLU A 37 -1.91 14.92 -15.21
CA GLU A 37 -0.45 14.93 -15.13
C GLU A 37 0.10 15.34 -13.76
N ASP A 38 -0.33 16.46 -13.20
CA ASP A 38 0.31 16.98 -11.99
C ASP A 38 0.06 16.04 -10.82
N GLN A 39 -1.13 15.46 -10.80
CA GLN A 39 -1.51 14.54 -9.75
C GLN A 39 -0.79 13.20 -9.86
N ARG A 40 -0.73 12.61 -11.05
CA ARG A 40 -0.09 11.29 -11.14
C ARG A 40 1.41 11.39 -10.84
N LYS A 41 2.06 12.49 -11.20
CA LYS A 41 3.47 12.68 -10.88
C LYS A 41 3.67 12.72 -9.37
N ALA A 42 2.80 13.43 -8.64
CA ALA A 42 2.90 13.41 -7.18
C ALA A 42 2.71 12.00 -6.60
N VAL A 43 1.77 11.24 -7.18
CA VAL A 43 1.52 9.88 -6.71
C VAL A 43 2.75 9.01 -6.96
N TRP A 44 3.37 9.15 -8.12
CA TRP A 44 4.60 8.39 -8.39
C TRP A 44 5.67 8.68 -7.35
N ALA A 45 5.82 9.95 -6.98
CA ALA A 45 6.89 10.33 -6.04
C ALA A 45 6.55 9.72 -4.67
N ILE A 46 5.30 9.83 -4.24
CA ILE A 46 4.88 9.21 -2.98
C ILE A 46 5.12 7.70 -3.00
N TYR A 47 4.69 7.02 -4.07
CA TYR A 47 4.94 5.59 -4.19
C TYR A 47 6.41 5.19 -4.06
N ALA A 48 7.26 5.88 -4.81
CA ALA A 48 8.68 5.57 -4.83
C ALA A 48 9.31 5.78 -3.45
N VAL A 49 8.98 6.85 -2.72
CA VAL A 49 9.52 7.03 -1.37
C VAL A 49 9.08 5.83 -0.51
N CYS A 50 7.80 5.47 -0.61
CA CYS A 50 7.30 4.44 0.30
C CYS A 50 7.96 3.10 -0.03
N ARG A 51 8.15 2.84 -1.32
CA ARG A 51 8.78 1.59 -1.77
C ARG A 51 10.21 1.52 -1.25
N LYS A 52 10.91 2.65 -1.30
CA LYS A 52 12.31 2.69 -0.85
C LYS A 52 12.35 2.41 0.65
N ILE A 53 11.42 3.00 1.41
CA ILE A 53 11.30 2.73 2.84
C ILE A 53 11.04 1.24 3.11
N ASP A 54 10.06 0.71 2.38
CA ASP A 54 9.69 -0.70 2.51
C ASP A 54 10.89 -1.63 2.33
N ASP A 55 11.82 -1.26 1.44
CA ASP A 55 12.89 -2.16 0.99
C ASP A 55 14.27 -1.82 1.58
N SER A 56 14.31 -0.81 2.44
CA SER A 56 15.56 -0.23 2.91
C SER A 56 16.44 -1.16 3.75
N ILE A 57 15.83 -2.05 4.53
CA ILE A 57 16.64 -2.88 5.44
C ILE A 57 17.60 -3.83 4.71
N ASP A 58 17.13 -4.39 3.59
CA ASP A 58 17.93 -5.34 2.81
C ASP A 58 19.05 -4.74 1.95
N VAL A 59 19.20 -3.42 1.90
CA VAL A 59 20.33 -2.93 1.12
C VAL A 59 21.68 -3.38 1.69
N TYR A 60 21.82 -3.21 3.00
CA TYR A 60 23.04 -3.58 3.75
C TYR A 60 22.75 -4.71 4.72
N GLY A 61 21.52 -4.72 5.24
CA GLY A 61 21.15 -5.70 6.26
C GLY A 61 20.77 -5.06 7.57
N ASP A 62 20.83 -3.72 7.61
CA ASP A 62 20.49 -2.94 8.80
C ASP A 62 19.80 -1.61 8.51
N ILE A 63 19.71 -0.76 9.54
CA ILE A 63 18.93 0.46 9.43
C ILE A 63 19.58 1.65 8.72
N GLN A 64 20.79 1.48 8.18
CA GLN A 64 21.52 2.66 7.72
C GLN A 64 20.84 3.42 6.58
N PHE A 65 20.39 2.72 5.54
CA PHE A 65 19.68 3.37 4.45
C PHE A 65 18.35 3.91 4.94
N LEU A 66 17.69 3.20 5.85
CA LEU A 66 16.44 3.72 6.40
C LEU A 66 16.64 5.04 7.17
N ASN A 67 17.68 5.12 7.98
CA ASN A 67 17.94 6.38 8.68
C ASN A 67 18.27 7.53 7.71
N GLN A 68 19.01 7.24 6.64
CA GLN A 68 19.22 8.22 5.58
C GLN A 68 17.94 8.75 4.94
N ILE A 69 17.03 7.84 4.59
CA ILE A 69 15.73 8.24 4.03
C ILE A 69 15.02 9.14 5.04
N LYS A 70 15.02 8.72 6.29
CA LYS A 70 14.32 9.44 7.33
C LYS A 70 14.88 10.87 7.44
N GLU A 71 16.21 10.97 7.41
CA GLU A 71 16.84 12.28 7.57
C GLU A 71 16.59 13.12 6.33
N ASP A 72 16.54 12.49 5.16
CA ASP A 72 16.16 13.24 3.95
C ASP A 72 14.73 13.82 4.08
N ILE A 73 13.80 13.01 4.55
CA ILE A 73 12.41 13.45 4.68
C ILE A 73 12.31 14.58 5.71
N GLN A 74 13.04 14.43 6.80
CA GLN A 74 13.13 15.46 7.83
C GLN A 74 13.66 16.79 7.31
N SER A 75 14.65 16.73 6.42
CA SER A 75 15.21 17.96 5.86
C SER A 75 14.17 18.65 4.96
N ILE A 76 13.38 17.88 4.23
CA ILE A 76 12.34 18.45 3.37
C ILE A 76 11.27 19.12 4.25
N GLU A 77 10.88 18.44 5.32
CA GLU A 77 9.85 18.96 6.22
C GLU A 77 10.31 20.28 6.83
N LYS A 78 11.56 20.35 7.27
CA LYS A 78 11.99 21.52 8.04
C LYS A 78 12.30 22.69 7.10
N TYR A 79 12.86 22.37 5.93
CA TYR A 79 13.28 23.37 4.97
C TYR A 79 12.89 22.99 3.56
N PRO A 80 11.60 23.13 3.21
CA PRO A 80 11.13 22.62 1.92
C PRO A 80 11.64 23.42 0.70
N TYR A 81 12.06 24.66 0.92
CA TYR A 81 12.48 25.54 -0.16
C TYR A 81 13.98 25.77 -0.17
N GLU A 82 14.70 25.00 0.64
CA GLU A 82 16.17 25.03 0.65
C GLU A 82 16.71 23.86 -0.13
N TYR A 83 17.90 24.08 -0.68
CA TYR A 83 18.61 23.03 -1.39
C TYR A 83 19.25 22.02 -0.44
N HIS A 84 18.94 20.75 -0.68
CA HIS A 84 19.43 19.71 0.20
C HIS A 84 20.36 18.77 -0.55
N HIS A 85 21.43 18.37 0.14
CA HIS A 85 22.26 17.26 -0.31
C HIS A 85 21.77 15.93 0.27
N PHE A 86 20.92 15.25 -0.50
CA PHE A 86 20.20 14.10 0.03
C PHE A 86 21.13 12.90 0.23
N GLN A 87 20.88 12.15 1.29
CA GLN A 87 21.71 11.02 1.70
C GLN A 87 21.28 9.69 1.07
N SER A 88 20.01 9.60 0.69
CA SER A 88 19.45 8.33 0.22
C SER A 88 19.37 8.36 -1.31
N ASP A 89 18.16 8.33 -1.85
CA ASP A 89 17.99 8.31 -3.30
C ASP A 89 17.63 9.71 -3.77
N ARG A 90 18.60 10.42 -4.36
CA ARG A 90 18.42 11.82 -4.75
C ARG A 90 17.25 12.05 -5.69
N ARG A 91 17.11 11.23 -6.73
CA ARG A 91 16.02 11.42 -7.68
C ARG A 91 14.66 11.43 -6.98
N ILE A 92 14.47 10.47 -6.08
CA ILE A 92 13.18 10.35 -5.39
C ILE A 92 12.97 11.54 -4.44
N MET A 93 14.01 11.91 -3.70
CA MET A 93 13.88 13.01 -2.74
C MET A 93 13.69 14.39 -3.39
N MET A 94 14.33 14.63 -4.52
CA MET A 94 14.05 15.82 -5.28
C MET A 94 12.60 15.89 -5.73
N ALA A 95 12.06 14.76 -6.21
CA ALA A 95 10.66 14.71 -6.60
C ALA A 95 9.75 14.94 -5.41
N LEU A 96 10.01 14.27 -4.29
CA LEU A 96 9.21 14.42 -3.08
C LEU A 96 9.23 15.87 -2.61
N GLN A 97 10.40 16.50 -2.68
CA GLN A 97 10.48 17.90 -2.25
C GLN A 97 9.66 18.82 -3.15
N HIS A 98 9.64 18.54 -4.46
CA HIS A 98 8.86 19.31 -5.41
C HIS A 98 7.39 19.21 -5.04
N VAL A 99 6.94 17.99 -4.76
CA VAL A 99 5.58 17.74 -4.31
C VAL A 99 5.29 18.53 -3.04
N ALA A 100 6.16 18.43 -2.04
CA ALA A 100 6.00 19.16 -0.78
C ALA A 100 5.84 20.67 -0.94
N GLN A 101 6.40 21.23 -2.01
CA GLN A 101 6.28 22.66 -2.26
C GLN A 101 4.88 23.10 -2.70
N HIS A 102 4.07 22.14 -3.14
CA HIS A 102 2.80 22.43 -3.77
C HIS A 102 1.62 21.87 -2.97
N LYS A 103 1.91 20.87 -2.15
CA LYS A 103 0.91 20.11 -1.39
C LYS A 103 1.31 19.92 0.07
N ASN A 104 0.31 19.90 0.96
CA ASN A 104 0.53 19.78 2.39
C ASN A 104 0.73 18.33 2.81
N ILE A 105 1.97 17.83 2.75
CA ILE A 105 2.31 16.45 3.07
C ILE A 105 2.24 16.12 4.57
N ALA A 106 1.61 14.99 4.92
CA ALA A 106 1.53 14.56 6.31
C ALA A 106 2.84 13.86 6.68
N PHE A 107 3.84 14.65 7.08
CA PHE A 107 5.14 14.05 7.40
C PHE A 107 5.09 13.02 8.52
N GLN A 108 4.27 13.22 9.54
CA GLN A 108 4.18 12.21 10.60
C GLN A 108 3.70 10.87 10.08
N SER A 109 2.93 10.85 8.98
CA SER A 109 2.57 9.57 8.40
C SER A 109 3.78 8.85 7.80
N PHE A 110 4.71 9.57 7.18
CA PHE A 110 5.97 8.95 6.74
C PHE A 110 6.72 8.43 7.96
N TYR A 111 6.75 9.21 9.04
CA TYR A 111 7.50 8.75 10.21
C TYR A 111 6.87 7.50 10.83
N ASN A 112 5.54 7.41 10.79
CA ASN A 112 4.85 6.22 11.29
C ASN A 112 5.18 5.00 10.45
N LEU A 113 5.25 5.16 9.12
CA LEU A 113 5.65 4.06 8.25
C LEU A 113 7.08 3.62 8.53
N ILE A 114 8.02 4.56 8.66
CA ILE A 114 9.42 4.24 8.93
C ILE A 114 9.55 3.51 10.26
N ASP A 115 8.75 3.94 11.23
CA ASP A 115 8.77 3.33 12.56
C ASP A 115 8.30 1.89 12.45
N THR A 116 7.29 1.66 11.62
CA THR A 116 6.74 0.32 11.42
C THR A 116 7.78 -0.60 10.77
N VAL A 117 8.49 -0.09 9.76
CA VAL A 117 9.58 -0.85 9.15
C VAL A 117 10.70 -1.17 10.14
N TYR A 118 11.16 -0.20 10.93
CA TYR A 118 12.15 -0.45 11.97
C TYR A 118 11.71 -1.57 12.90
N LYS A 119 10.44 -1.55 13.32
CA LYS A 119 9.95 -2.50 14.33
C LYS A 119 9.87 -3.89 13.75
N ASP A 120 9.68 -3.93 12.44
CA ASP A 120 9.39 -5.18 11.75
C ASP A 120 10.66 -6.03 11.73
N GLN A 121 11.79 -5.37 11.94
CA GLN A 121 13.04 -6.08 12.18
C GLN A 121 12.98 -7.08 13.35
N HIS A 122 12.19 -6.76 14.38
CA HIS A 122 12.08 -7.60 15.57
C HIS A 122 10.71 -8.25 15.56
N PHE A 123 10.22 -8.61 14.37
CA PHE A 123 8.88 -9.14 14.21
C PHE A 123 8.61 -10.33 15.13
N THR A 124 7.53 -10.22 15.88
CA THR A 124 6.91 -11.38 16.51
C THR A 124 5.45 -11.39 16.04
N MET A 125 4.87 -12.58 16.06
CA MET A 125 3.48 -12.72 15.65
C MET A 125 2.55 -11.84 16.46
N PHE A 126 1.53 -11.36 15.75
CA PHE A 126 0.48 -10.56 16.35
C PHE A 126 -0.31 -11.46 17.29
N GLU A 127 -0.49 -10.99 18.52
CA GLU A 127 -1.28 -11.73 19.50
C GLU A 127 -2.75 -11.62 19.12
N THR A 128 -3.18 -10.43 18.71
CA THR A 128 -4.58 -10.14 18.44
C THR A 128 -4.76 -9.44 17.10
N ASP A 129 -5.99 -9.47 16.60
CA ASP A 129 -6.31 -8.73 15.38
C ASP A 129 -6.06 -7.23 15.50
N ALA A 130 -6.23 -6.70 16.70
CA ALA A 130 -5.96 -5.28 16.93
C ALA A 130 -4.51 -4.96 16.54
N GLU A 131 -3.59 -5.85 16.88
CA GLU A 131 -2.20 -5.66 16.48
C GLU A 131 -1.96 -5.81 14.99
N LEU A 132 -2.65 -6.78 14.39
CA LEU A 132 -2.61 -6.91 12.93
C LEU A 132 -3.14 -5.63 12.28
N PHE A 133 -4.26 -5.10 12.76
CA PHE A 133 -4.79 -3.90 12.13
C PHE A 133 -3.90 -2.67 12.38
N GLY A 134 -3.22 -2.62 13.52
CA GLY A 134 -2.22 -1.59 13.81
C GLY A 134 -1.07 -1.61 12.83
N TYR A 135 -0.69 -2.82 12.45
CA TYR A 135 0.35 -2.99 11.44
C TYR A 135 -0.13 -2.55 10.06
N CYS A 136 -1.39 -2.88 9.71
CA CYS A 136 -1.97 -2.42 8.45
C CYS A 136 -2.00 -0.89 8.42
N TYR A 137 -2.41 -0.26 9.52
CA TYR A 137 -2.29 1.21 9.57
C TYR A 137 -0.84 1.64 9.29
N GLY A 138 0.10 1.09 10.05
CA GLY A 138 1.50 1.47 9.95
C GLY A 138 2.09 1.40 8.55
N VAL A 139 1.83 0.31 7.83
CA VAL A 139 2.47 0.15 6.52
C VAL A 139 1.65 0.69 5.34
N ALA A 140 0.34 0.86 5.50
CA ALA A 140 -0.52 1.19 4.37
C ALA A 140 -1.52 2.31 4.66
N GLY A 141 -2.14 2.31 5.84
CA GLY A 141 -2.99 3.44 6.24
C GLY A 141 -2.22 4.75 6.22
N THR A 142 -0.98 4.71 6.68
CA THR A 142 -0.06 5.85 6.59
C THR A 142 0.07 6.40 5.16
N VAL A 143 0.22 5.50 4.20
CA VAL A 143 0.40 5.85 2.78
C VAL A 143 -0.90 6.51 2.30
N GLY A 144 -2.04 5.96 2.71
CA GLY A 144 -3.33 6.58 2.41
C GLY A 144 -3.36 8.02 2.90
N GLU A 145 -2.88 8.25 4.11
CA GLU A 145 -2.86 9.62 4.68
C GLU A 145 -1.95 10.53 3.85
N VAL A 146 -0.78 10.02 3.45
CA VAL A 146 0.15 10.81 2.63
C VAL A 146 -0.48 11.19 1.30
N LEU A 147 -1.22 10.26 0.70
CA LEU A 147 -1.86 10.54 -0.59
C LEU A 147 -3.06 11.47 -0.52
N THR A 148 -3.64 11.65 0.66
CA THR A 148 -4.91 12.37 0.79
C THR A 148 -4.95 13.74 0.11
N PRO A 149 -3.98 14.63 0.36
CA PRO A 149 -4.04 15.96 -0.26
C PRO A 149 -3.84 15.94 -1.78
N ILE A 150 -3.23 14.89 -2.30
CA ILE A 150 -3.13 14.75 -3.76
C ILE A 150 -4.49 14.38 -4.36
N LEU A 151 -5.24 13.55 -3.64
CA LEU A 151 -6.47 12.93 -4.16
C LEU A 151 -7.74 13.70 -3.86
N SER A 152 -7.64 14.86 -3.22
CA SER A 152 -8.82 15.62 -2.82
C SER A 152 -8.55 17.11 -2.86
N ASP A 153 -9.60 17.89 -3.05
CA ASP A 153 -9.52 19.35 -3.16
C ASP A 153 -9.55 20.05 -1.80
N HIS A 154 -10.25 19.44 -0.86
CA HIS A 154 -10.47 20.06 0.44
C HIS A 154 -10.52 18.93 1.46
N GLU A 155 -9.36 18.65 2.04
CA GLU A 155 -9.19 17.54 2.97
C GLU A 155 -9.92 17.85 4.28
N THR A 156 -10.68 16.88 4.76
CA THR A 156 -11.28 16.95 6.09
C THR A 156 -10.86 15.66 6.78
N HIS A 157 -11.24 15.54 8.04
CA HIS A 157 -10.94 14.32 8.80
C HIS A 157 -11.52 13.11 8.07
N GLN A 158 -12.66 13.30 7.39
CA GLN A 158 -13.27 12.16 6.71
C GLN A 158 -12.42 11.67 5.55
N THR A 159 -11.83 12.61 4.81
CA THR A 159 -10.97 12.27 3.69
C THR A 159 -9.83 11.38 4.14
N TYR A 160 -9.18 11.79 5.24
CA TYR A 160 -8.11 10.98 5.83
C TYR A 160 -8.66 9.65 6.35
N ASP A 161 -9.82 9.67 7.01
CA ASP A 161 -10.38 8.42 7.50
C ASP A 161 -10.61 7.39 6.39
N VAL A 162 -11.21 7.86 5.30
CA VAL A 162 -11.53 6.99 4.16
C VAL A 162 -10.24 6.50 3.49
N ALA A 163 -9.26 7.39 3.30
CA ALA A 163 -7.99 7.01 2.68
C ALA A 163 -7.22 6.02 3.54
N ARG A 164 -7.32 6.19 4.85
CA ARG A 164 -6.71 5.28 5.81
C ARG A 164 -7.34 3.89 5.70
N ARG A 165 -8.66 3.86 5.74
CA ARG A 165 -9.41 2.61 5.62
C ARG A 165 -9.10 1.92 4.29
N LEU A 166 -9.00 2.70 3.22
CA LEU A 166 -8.60 2.13 1.92
C LEU A 166 -7.23 1.46 2.01
N GLY A 167 -6.25 2.17 2.58
CA GLY A 167 -4.90 1.64 2.66
C GLY A 167 -4.92 0.35 3.45
N GLU A 168 -5.60 0.36 4.58
CA GLU A 168 -5.69 -0.85 5.39
C GLU A 168 -6.36 -2.04 4.72
N SER A 169 -7.40 -1.78 3.94
CA SER A 169 -8.12 -2.78 3.16
C SER A 169 -7.21 -3.41 2.11
N LEU A 170 -6.46 -2.57 1.39
CA LEU A 170 -5.52 -3.03 0.38
C LEU A 170 -4.40 -3.85 1.03
N GLN A 171 -3.88 -3.42 2.18
CA GLN A 171 -2.87 -4.22 2.86
C GLN A 171 -3.42 -5.59 3.30
N LEU A 172 -4.65 -5.63 3.80
CA LEU A 172 -5.21 -6.91 4.21
C LEU A 172 -5.34 -7.84 3.01
N ILE A 173 -5.73 -7.30 1.87
CA ILE A 173 -5.81 -8.09 0.62
C ILE A 173 -4.43 -8.62 0.23
N ASN A 174 -3.42 -7.76 0.33
CA ASN A 174 -2.05 -8.18 0.08
C ASN A 174 -1.68 -9.37 0.99
N ILE A 175 -1.97 -9.24 2.27
CA ILE A 175 -1.71 -10.33 3.23
C ILE A 175 -2.42 -11.62 2.79
N LEU A 176 -3.67 -11.48 2.39
CA LEU A 176 -4.47 -12.63 1.99
C LEU A 176 -3.95 -13.33 0.73
N ARG A 177 -3.37 -12.55 -0.18
CA ARG A 177 -2.70 -13.06 -1.37
C ARG A 177 -1.39 -13.77 -1.05
N ASP A 178 -0.65 -13.28 -0.05
CA ASP A 178 0.73 -13.70 0.12
C ASP A 178 1.00 -14.63 1.28
N VAL A 179 -0.03 -15.32 1.77
CA VAL A 179 0.14 -16.19 2.93
C VAL A 179 1.35 -17.12 2.76
N GLY A 180 1.37 -17.84 1.65
CA GLY A 180 2.40 -18.83 1.39
C GLY A 180 3.79 -18.23 1.30
N GLU A 181 3.93 -17.17 0.50
CA GLU A 181 5.22 -16.49 0.36
C GLU A 181 5.72 -15.89 1.67
N ASP A 182 4.80 -15.29 2.42
CA ASP A 182 5.14 -14.73 3.73
C ASP A 182 5.62 -15.84 4.67
N PHE A 183 4.96 -16.98 4.60
CA PHE A 183 5.35 -18.11 5.44
C PHE A 183 6.78 -18.57 5.12
N GLU A 184 7.13 -18.63 3.84
CA GLU A 184 8.51 -18.97 3.46
C GLU A 184 9.50 -17.99 4.07
N ASN A 185 9.09 -16.74 4.18
CA ASN A 185 9.95 -15.69 4.71
C ASN A 185 9.83 -15.52 6.21
N GLU A 186 9.30 -16.54 6.85
CA GLU A 186 9.19 -16.62 8.32
C GLU A 186 8.28 -15.55 8.87
N ARG A 187 7.21 -15.25 8.12
CA ARG A 187 6.23 -14.26 8.55
C ARG A 187 4.83 -14.85 8.43
N ILE A 188 4.07 -14.75 9.52
CA ILE A 188 2.64 -15.05 9.51
C ILE A 188 1.95 -13.82 10.08
N TYR A 189 0.96 -13.28 9.38
CA TYR A 189 0.28 -12.04 9.75
C TYR A 189 -1.10 -12.28 10.36
N PHE A 190 -1.69 -13.46 10.20
CA PHE A 190 -2.93 -13.74 10.91
C PHE A 190 -2.60 -13.75 12.41
N SER A 191 -3.52 -13.31 13.26
CA SER A 191 -3.23 -13.21 14.69
C SER A 191 -3.28 -14.56 15.39
N LYS A 192 -2.50 -14.67 16.46
CA LYS A 192 -2.46 -15.91 17.24
C LYS A 192 -3.84 -16.26 17.78
N GLN A 193 -4.58 -15.22 18.15
CA GLN A 193 -5.92 -15.40 18.71
C GLN A 193 -6.82 -16.09 17.69
N ARG A 194 -6.83 -15.59 16.46
CA ARG A 194 -7.68 -16.16 15.42
C ARG A 194 -7.22 -17.51 14.92
N LEU A 195 -5.91 -17.68 14.76
CA LEU A 195 -5.32 -18.98 14.41
C LEU A 195 -5.75 -20.03 15.42
N LYS A 196 -5.74 -19.67 16.70
CA LYS A 196 -6.16 -20.58 17.75
C LYS A 196 -7.67 -20.83 17.72
N GLN A 197 -8.46 -19.78 17.53
CA GLN A 197 -9.91 -19.93 17.44
C GLN A 197 -10.34 -20.86 16.31
N TYR A 198 -9.70 -20.68 15.16
CA TYR A 198 -10.03 -21.41 13.93
C TYR A 198 -9.27 -22.72 13.82
N GLU A 199 -8.37 -22.99 14.77
CA GLU A 199 -7.57 -24.22 14.76
C GLU A 199 -6.75 -24.37 13.47
N VAL A 200 -5.93 -23.37 13.18
CA VAL A 200 -5.16 -23.34 11.94
C VAL A 200 -3.68 -23.22 12.31
N ASP A 201 -2.84 -24.05 11.70
CA ASP A 201 -1.40 -23.95 11.83
C ASP A 201 -0.88 -23.70 10.42
N ILE A 202 -0.38 -22.49 10.16
CA ILE A 202 0.05 -22.14 8.80
C ILE A 202 1.10 -23.10 8.24
N ALA A 203 2.08 -23.48 9.05
CA ALA A 203 3.08 -24.46 8.63
C ALA A 203 2.42 -25.75 8.15
N GLU A 204 1.40 -26.20 8.87
CA GLU A 204 0.75 -27.48 8.56
C GLU A 204 0.02 -27.35 7.22
N VAL A 205 -0.56 -26.18 6.99
CA VAL A 205 -1.32 -25.94 5.78
C VAL A 205 -0.41 -25.78 4.57
N TYR A 206 0.71 -25.09 4.75
CA TYR A 206 1.71 -24.96 3.72
C TYR A 206 2.21 -26.33 3.28
N GLN A 207 2.29 -27.27 4.22
CA GLN A 207 2.71 -28.63 3.88
C GLN A 207 1.63 -29.47 3.21
N ASN A 208 0.41 -29.42 3.74
CA ASN A 208 -0.59 -30.43 3.43
C ASN A 208 -1.77 -29.94 2.61
N GLY A 209 -1.78 -28.64 2.36
CA GLY A 209 -2.84 -28.03 1.56
C GLY A 209 -3.93 -27.44 2.43
N VAL A 210 -4.87 -26.81 1.74
CA VAL A 210 -5.98 -26.11 2.36
C VAL A 210 -6.85 -27.12 3.13
N ASN A 211 -7.56 -26.64 4.15
CA ASN A 211 -8.67 -27.40 4.75
C ASN A 211 -9.79 -26.44 5.14
N ASN A 212 -10.92 -26.97 5.61
CA ASN A 212 -12.03 -26.08 5.92
C ASN A 212 -11.73 -25.04 7.01
N HIS A 213 -10.94 -25.43 8.01
CA HIS A 213 -10.51 -24.50 9.03
C HIS A 213 -9.73 -23.32 8.42
N TYR A 214 -8.76 -23.63 7.57
CA TYR A 214 -8.01 -22.54 6.94
C TYR A 214 -8.89 -21.63 6.07
N ILE A 215 -9.73 -22.24 5.23
CA ILE A 215 -10.65 -21.47 4.40
C ILE A 215 -11.54 -20.55 5.23
N ASP A 216 -12.10 -21.05 6.32
CA ASP A 216 -12.93 -20.24 7.19
C ASP A 216 -12.14 -19.06 7.77
N LEU A 217 -10.90 -19.30 8.16
CA LEU A 217 -10.08 -18.22 8.70
C LEU A 217 -9.76 -17.16 7.63
N TRP A 218 -9.32 -17.63 6.47
CA TRP A 218 -9.00 -16.73 5.37
C TRP A 218 -10.23 -15.89 5.03
N GLU A 219 -11.40 -16.55 4.95
CA GLU A 219 -12.64 -15.84 4.64
C GLU A 219 -13.10 -14.88 5.74
N TYR A 220 -12.76 -15.18 6.99
CA TYR A 220 -13.05 -14.26 8.08
C TYR A 220 -12.36 -12.93 7.80
N TYR A 221 -11.07 -12.99 7.50
CA TYR A 221 -10.35 -11.75 7.15
C TYR A 221 -10.80 -11.14 5.82
N ALA A 222 -11.08 -11.99 4.84
CA ALA A 222 -11.53 -11.46 3.55
C ALA A 222 -12.81 -10.64 3.71
N ALA A 223 -13.74 -11.11 4.54
CA ALA A 223 -14.97 -10.34 4.82
C ALA A 223 -14.70 -8.95 5.41
N ILE A 224 -13.67 -8.84 6.24
CA ILE A 224 -13.27 -7.55 6.80
C ILE A 224 -12.81 -6.62 5.68
N ALA A 225 -11.93 -7.11 4.81
CA ALA A 225 -11.42 -6.31 3.69
C ALA A 225 -12.54 -5.86 2.76
N GLU A 226 -13.48 -6.77 2.51
CA GLU A 226 -14.61 -6.48 1.65
C GLU A 226 -15.54 -5.42 2.25
N LYS A 227 -15.82 -5.52 3.54
CA LYS A 227 -16.60 -4.50 4.24
C LYS A 227 -15.88 -3.14 4.22
N ASP A 228 -14.58 -3.14 4.45
CA ASP A 228 -13.77 -1.92 4.38
C ASP A 228 -13.92 -1.33 2.97
N PHE A 229 -13.79 -2.18 1.95
CA PHE A 229 -13.89 -1.74 0.56
C PHE A 229 -15.24 -1.09 0.27
N ARG A 230 -16.32 -1.73 0.72
CA ARG A 230 -17.66 -1.16 0.55
C ARG A 230 -17.81 0.19 1.25
N ASP A 231 -17.22 0.34 2.43
CA ASP A 231 -17.31 1.61 3.15
C ASP A 231 -16.59 2.74 2.41
N VAL A 232 -15.41 2.42 1.88
CA VAL A 232 -14.71 3.37 1.02
C VAL A 232 -15.53 3.74 -0.22
N MET A 233 -16.10 2.75 -0.91
CA MET A 233 -16.89 3.09 -2.10
C MET A 233 -18.08 3.96 -1.72
N ASP A 234 -18.69 3.67 -0.58
CA ASP A 234 -19.85 4.43 -0.13
C ASP A 234 -19.48 5.88 0.18
N GLN A 235 -18.21 6.09 0.54
CA GLN A 235 -17.72 7.44 0.84
C GLN A 235 -16.75 8.02 -0.21
N ILE A 236 -16.82 7.51 -1.44
CA ILE A 236 -15.85 7.90 -2.47
C ILE A 236 -15.85 9.40 -2.78
N LYS A 237 -16.96 10.07 -2.49
CA LYS A 237 -17.08 11.49 -2.80
C LYS A 237 -16.21 12.41 -1.94
N VAL A 238 -15.43 11.85 -1.01
CA VAL A 238 -14.43 12.63 -0.29
C VAL A 238 -13.31 13.07 -1.22
N PHE A 239 -13.14 12.32 -2.29
CA PHE A 239 -12.03 12.52 -3.21
C PHE A 239 -12.44 13.46 -4.33
N SER A 240 -11.46 14.07 -4.99
CA SER A 240 -11.78 14.98 -6.10
C SER A 240 -12.51 14.21 -7.19
N ILE A 241 -13.29 14.92 -8.00
CA ILE A 241 -14.01 14.26 -9.09
C ILE A 241 -13.10 13.45 -10.02
N GLU A 242 -11.91 13.95 -10.32
CA GLU A 242 -10.99 13.22 -11.19
C GLU A 242 -10.42 11.96 -10.52
N ALA A 243 -10.20 12.04 -9.22
CA ALA A 243 -9.62 10.90 -8.51
C ALA A 243 -10.65 9.79 -8.26
N GLN A 244 -11.94 10.12 -8.18
CA GLN A 244 -12.95 9.16 -7.76
C GLN A 244 -12.93 7.87 -8.61
N PRO A 245 -13.02 7.99 -9.94
CA PRO A 245 -12.98 6.75 -10.72
C PRO A 245 -11.65 6.00 -10.63
N ILE A 246 -10.56 6.72 -10.47
CA ILE A 246 -9.24 6.12 -10.34
C ILE A 246 -9.15 5.31 -9.06
N ILE A 247 -9.61 5.89 -7.96
CA ILE A 247 -9.57 5.21 -6.66
C ILE A 247 -10.47 3.98 -6.71
N GLU A 248 -11.67 4.17 -7.25
CA GLU A 248 -12.57 3.04 -7.44
C GLU A 248 -11.92 1.92 -8.28
N LEU A 249 -11.29 2.28 -9.39
CA LEU A 249 -10.58 1.30 -10.23
C LEU A 249 -9.48 0.60 -9.44
N ALA A 250 -8.63 1.37 -8.78
CA ALA A 250 -7.53 0.76 -8.03
C ALA A 250 -8.05 -0.23 -6.99
N ALA A 251 -9.05 0.20 -6.23
CA ALA A 251 -9.66 -0.63 -5.19
C ALA A 251 -10.31 -1.89 -5.78
N ARG A 252 -11.00 -1.73 -6.90
CA ARG A 252 -11.67 -2.86 -7.53
C ARG A 252 -10.67 -3.87 -8.11
N ILE A 253 -9.62 -3.37 -8.74
CA ILE A 253 -8.60 -4.23 -9.33
C ILE A 253 -7.95 -5.01 -8.18
N TYR A 254 -7.69 -4.31 -7.07
CA TYR A 254 -7.01 -4.98 -5.97
C TYR A 254 -7.90 -5.98 -5.28
N ILE A 255 -9.18 -5.65 -5.11
CA ILE A 255 -10.08 -6.59 -4.45
C ILE A 255 -10.40 -7.84 -5.28
N GLU A 256 -10.26 -7.71 -6.60
CA GLU A 256 -10.43 -8.85 -7.50
C GLU A 256 -9.41 -9.93 -7.13
N ILE A 257 -8.29 -9.53 -6.52
CA ILE A 257 -7.33 -10.52 -6.06
C ILE A 257 -7.95 -11.56 -5.11
N LEU A 258 -8.92 -11.16 -4.30
CA LEU A 258 -9.58 -12.11 -3.40
C LEU A 258 -10.24 -13.23 -4.20
N ASP A 259 -10.88 -12.85 -5.30
CA ASP A 259 -11.54 -13.87 -6.12
C ASP A 259 -10.52 -14.75 -6.83
N GLU A 260 -9.40 -14.17 -7.23
CA GLU A 260 -8.30 -14.92 -7.81
C GLU A 260 -7.77 -15.95 -6.84
N VAL A 261 -7.65 -15.58 -5.55
CA VAL A 261 -7.21 -16.54 -4.55
C VAL A 261 -8.21 -17.69 -4.46
N ARG A 262 -9.50 -17.38 -4.38
CA ARG A 262 -10.52 -18.43 -4.30
C ARG A 262 -10.48 -19.36 -5.50
N GLN A 263 -10.40 -18.78 -6.70
CA GLN A 263 -10.32 -19.57 -7.92
C GLN A 263 -9.11 -20.50 -7.92
N ALA A 264 -8.03 -20.09 -7.27
CA ALA A 264 -6.81 -20.91 -7.21
C ALA A 264 -6.81 -21.79 -5.96
N ASN A 265 -7.99 -21.94 -5.38
CA ASN A 265 -8.18 -22.82 -4.22
C ASN A 265 -7.28 -22.46 -3.04
N TYR A 266 -7.09 -21.16 -2.88
CA TYR A 266 -6.44 -20.58 -1.70
C TYR A 266 -4.98 -21.05 -1.61
N THR A 267 -4.36 -21.27 -2.77
CA THR A 267 -3.04 -21.88 -2.80
C THR A 267 -2.01 -21.08 -1.98
N LEU A 268 -1.19 -21.82 -1.24
CA LEU A 268 -0.03 -21.28 -0.55
C LEU A 268 1.27 -21.34 -1.39
N HIS A 269 1.14 -21.72 -2.65
CA HIS A 269 2.34 -22.01 -3.42
C HIS A 269 2.56 -21.25 -4.72
N GLU A 270 1.67 -20.29 -5.01
CA GLU A 270 1.90 -19.33 -6.08
C GLU A 270 1.23 -18.01 -5.72
N ARG A 271 1.73 -16.93 -6.31
CA ARG A 271 1.15 -15.61 -6.15
C ARG A 271 0.10 -15.41 -7.24
N VAL A 272 -1.16 -15.34 -6.84
CA VAL A 272 -2.22 -15.18 -7.83
C VAL A 272 -2.25 -13.73 -8.30
N PHE A 273 -2.90 -13.50 -9.44
CA PHE A 273 -2.86 -12.16 -10.02
C PHE A 273 -4.09 -11.91 -10.90
N VAL A 274 -4.40 -10.64 -11.07
CA VAL A 274 -5.51 -10.21 -11.90
C VAL A 274 -4.87 -9.88 -13.25
N GLU A 275 -5.21 -10.60 -14.32
CA GLU A 275 -4.49 -10.33 -15.55
C GLU A 275 -4.80 -8.95 -16.11
N LYS A 276 -3.92 -8.41 -16.94
CA LYS A 276 -4.10 -7.07 -17.48
C LYS A 276 -5.45 -6.89 -18.19
N ARG A 277 -5.88 -7.90 -18.94
CA ARG A 277 -7.11 -7.77 -19.70
C ARG A 277 -8.33 -7.57 -18.80
N LYS A 278 -8.30 -8.22 -17.64
CA LYS A 278 -9.31 -8.10 -16.60
C LYS A 278 -9.26 -6.74 -15.90
N LYS A 279 -8.07 -6.16 -15.75
CA LYS A 279 -7.97 -4.78 -15.26
C LYS A 279 -8.68 -3.82 -16.22
N ALA A 280 -8.51 -4.04 -17.52
CA ALA A 280 -9.19 -3.24 -18.53
C ALA A 280 -10.72 -3.41 -18.51
N LYS A 281 -11.17 -4.65 -18.32
CA LYS A 281 -12.61 -4.88 -18.14
C LYS A 281 -13.14 -4.04 -16.98
N LEU A 282 -12.43 -4.01 -15.87
CA LEU A 282 -12.86 -3.21 -14.72
C LEU A 282 -12.83 -1.71 -15.02
N PHE A 283 -11.80 -1.22 -15.70
CA PHE A 283 -11.74 0.18 -16.15
C PHE A 283 -12.99 0.51 -16.97
N HIS A 284 -13.35 -0.40 -17.87
CA HIS A 284 -14.49 -0.12 -18.74
C HIS A 284 -15.75 0.04 -17.91
N GLU A 285 -15.96 -0.88 -16.97
CA GLU A 285 -17.16 -0.87 -16.15
C GLU A 285 -17.25 0.42 -15.33
N ILE A 286 -16.12 0.83 -14.76
CA ILE A 286 -16.08 2.02 -13.92
C ILE A 286 -16.20 3.30 -14.76
N ASN A 287 -15.38 3.39 -15.81
CA ASN A 287 -15.38 4.51 -16.74
C ASN A 287 -16.79 4.76 -17.30
N SER A 288 -17.52 3.68 -17.54
CA SER A 288 -18.90 3.79 -18.01
C SER A 288 -19.82 4.37 -16.94
N LYS A 289 -19.62 3.96 -15.69
CA LYS A 289 -20.38 4.44 -14.55
C LYS A 289 -20.24 5.95 -14.36
N TYR A 290 -19.04 6.48 -14.60
CA TYR A 290 -18.75 7.90 -14.42
C TYR A 290 -19.04 8.72 -15.69
OAA 702 B . 4.11 -3.68 -1.57
OAB 702 B . 3.73 -5.75 -0.71
OAC 702 B . 6.02 -4.98 -0.88
OAD 702 B . 7.11 -4.10 1.92
OAE 702 B . 5.28 -3.78 3.59
OAF 702 B . 5.49 -6.00 2.49
CAG 702 B . 1.03 5.46 -4.40
CAH 702 B . 1.44 4.84 -3.22
CAI 702 B . -0.09 5.02 -5.10
CAJ 702 B . -4.19 3.90 -1.21
CAK 702 B . -3.86 3.79 0.14
CAL 702 B . -1.23 -1.63 0.11
CAM 702 B . 0.69 3.76 -2.75
CAN 702 B . -0.85 3.96 -4.61
CAO 702 B . -0.05 -2.01 0.74
CAP 702 B . -1.46 -0.29 -0.17
CAQ 702 B . -3.33 3.40 -2.18
CAR 702 B . -2.69 3.14 0.52
CAS 702 B . 0.68 0.29 0.82
CAT 702 B . 3.13 -1.91 0.66
CAU 702 B . 2.19 -1.49 1.80
CAV 702 B . 4.47 -2.48 1.09
CAW 702 B . -1.26 2.20 -2.88
OAX 702 B . -0.67 1.99 -0.09
CAY 702 B . 0.92 -1.05 1.11
CAZ 702 B . -0.45 3.34 -3.44
CBA 702 B . -0.49 0.66 0.18
CBB 702 B . -2.17 2.74 -1.80
CBC 702 B . -1.84 2.60 -0.46
CBD 702 B . 4.51 -4.01 1.04
PBE 702 B . 5.71 -4.51 2.33
SBF 702 B . 4.63 -4.60 -0.53
MG MG C . 2.80 -9.14 0.83
#